data_5AGS
#
_entry.id   5AGS
#
_cell.length_a   44.750
_cell.length_b   62.160
_cell.length_c   76.990
_cell.angle_alpha   90.00
_cell.angle_beta   90.00
_cell.angle_gamma   90.00
#
_symmetry.space_group_name_H-M   'P 21 21 21'
#
loop_
_entity.id
_entity.type
_entity.pdbx_description
1 polymer 'LEUCYL-TRNA SYNTHETASE'
2 non-polymer METHIONINE
3 non-polymer '3-(AMINOMETHYL)-4-BROMO-7-ETHOXYBENZO[C][1,2]OXABOROL-1(3H)-OL-MODIFIED ADENOSINE'
4 water water
#
_entity_poly.entity_id   1
_entity_poly.type   'polypeptide(L)'
_entity_poly.pdbx_seq_one_letter_code
;MKHHHHHHPMSDYDIPTTENLYFQGAMGRSTGAVALFSARAASDDGFEVDIEVFTTRPDTLFGATYLVLAPEHDLVDELV
AASWPAGVNPLWTYGGGTPGEAIAAYRRAIAAKSDLERQESREKTGVFLGSYAINPANGEPVPIFIADYVLAGYGTGAIM
AVPGHDQRDWDFARAFGLPIVEVIAGGNISESAYTGDGILVNSDYLNGMSVPAAKRAIVDRLESAGRGRARI
;
_entity_poly.pdbx_strand_id   A
#
# COMPACT_ATOMS: atom_id res chain seq x y z
N GLY A 32 -5.41 -2.52 15.64
CA GLY A 32 -5.43 -2.24 14.17
C GLY A 32 -6.76 -2.51 13.50
N ALA A 33 -6.70 -2.71 12.18
CA ALA A 33 -7.88 -2.92 11.37
C ALA A 33 -7.52 -3.75 10.15
N VAL A 34 -8.49 -4.50 9.64
CA VAL A 34 -8.40 -5.03 8.30
C VAL A 34 -9.37 -4.23 7.43
N ALA A 35 -8.98 -3.98 6.20
CA ALA A 35 -9.83 -3.23 5.27
C ALA A 35 -9.71 -3.80 3.87
N LEU A 36 -10.79 -3.72 3.11
CA LEU A 36 -10.81 -4.14 1.71
C LEU A 36 -10.59 -2.99 0.75
N PHE A 37 -9.77 -3.24 -0.26
CA PHE A 37 -9.67 -2.37 -1.43
C PHE A 37 -10.18 -3.16 -2.62
N SER A 38 -11.16 -2.62 -3.35
CA SER A 38 -11.70 -3.28 -4.54
CA SER A 38 -11.69 -3.28 -4.53
C SER A 38 -10.75 -3.14 -5.73
N ALA A 39 -10.62 -4.20 -6.53
CA ALA A 39 -9.96 -4.05 -7.84
C ALA A 39 -10.76 -3.03 -8.69
N ARG A 40 -10.05 -2.15 -9.41
CA ARG A 40 -10.73 -1.21 -10.31
CA ARG A 40 -10.71 -1.20 -10.32
C ARG A 40 -11.34 -1.96 -11.48
N ALA A 41 -10.59 -2.92 -12.03
CA ALA A 41 -11.07 -3.78 -13.10
C ALA A 41 -11.52 -5.13 -12.53
N VAL A 49 -12.78 -8.65 -7.34
CA VAL A 49 -11.63 -9.09 -6.53
C VAL A 49 -11.34 -8.04 -5.45
N ASP A 50 -11.28 -8.48 -4.19
CA ASP A 50 -10.93 -7.57 -3.09
C ASP A 50 -9.58 -7.92 -2.50
N ILE A 51 -8.78 -6.88 -2.25
CA ILE A 51 -7.50 -7.05 -1.58
C ILE A 51 -7.70 -6.62 -0.14
N GLU A 52 -7.49 -7.57 0.77
CA GLU A 52 -7.54 -7.29 2.20
C GLU A 52 -6.17 -6.90 2.73
N VAL A 53 -6.12 -5.73 3.37
CA VAL A 53 -4.91 -5.25 4.03
C VAL A 53 -5.07 -5.27 5.54
N PHE A 54 -3.96 -5.44 6.25
CA PHE A 54 -3.92 -5.20 7.69
C PHE A 54 -3.14 -3.93 7.99
N THR A 55 -3.76 -3.03 8.75
CA THR A 55 -3.06 -1.79 9.15
C THR A 55 -3.18 -1.48 10.64
N THR A 56 -2.10 -0.97 11.22
CA THR A 56 -2.15 -0.41 12.58
C THR A 56 -2.51 1.07 12.59
N ARG A 57 -2.69 1.67 11.40
CA ARG A 57 -2.98 3.11 11.26
C ARG A 57 -4.15 3.33 10.31
N PRO A 58 -5.34 2.76 10.62
CA PRO A 58 -6.48 2.96 9.74
C PRO A 58 -6.88 4.43 9.63
N ASP A 59 -6.50 5.25 10.63
CA ASP A 59 -6.73 6.69 10.58
C ASP A 59 -6.11 7.38 9.38
N THR A 60 -5.09 6.76 8.77
CA THR A 60 -4.34 7.37 7.65
C THR A 60 -4.85 6.96 6.27
N LEU A 61 -6.03 6.35 6.22
N LEU A 61 -6.04 6.37 6.24
CA LEU A 61 -6.60 5.81 4.98
CA LEU A 61 -6.62 5.80 5.01
C LEU A 61 -6.58 6.80 3.80
C LEU A 61 -6.66 6.79 3.82
N PHE A 62 -6.89 8.08 4.06
CA PHE A 62 -6.94 9.07 2.98
C PHE A 62 -5.54 9.38 2.41
N GLY A 63 -4.51 8.91 3.11
CA GLY A 63 -3.12 9.02 2.64
C GLY A 63 -2.52 7.76 2.03
N ALA A 64 -3.35 6.73 1.81
CA ALA A 64 -2.89 5.51 1.16
C ALA A 64 -2.85 5.74 -0.33
N THR A 65 -1.64 5.80 -0.89
CA THR A 65 -1.47 6.18 -2.29
C THR A 65 -1.12 5.01 -3.21
N TYR A 66 -0.83 3.84 -2.64
CA TYR A 66 -0.61 2.62 -3.44
C TYR A 66 -0.79 1.40 -2.52
N LEU A 67 -0.88 0.22 -3.10
CA LEU A 67 -0.97 -1.04 -2.34
C LEU A 67 0.26 -1.87 -2.64
N VAL A 68 0.69 -2.65 -1.66
CA VAL A 68 1.81 -3.57 -1.83
C VAL A 68 1.43 -4.96 -1.35
N LEU A 69 1.58 -5.94 -2.24
CA LEU A 69 1.34 -7.35 -1.91
C LEU A 69 2.69 -8.04 -1.80
N ALA A 70 2.77 -9.04 -0.92
CA ALA A 70 3.95 -9.91 -0.91
C ALA A 70 4.10 -10.53 -2.30
N PRO A 71 5.36 -10.78 -2.73
CA PRO A 71 5.52 -11.32 -4.09
C PRO A 71 4.82 -12.66 -4.33
N GLU A 72 4.59 -13.41 -3.25
N GLU A 72 4.60 -13.46 -3.28
CA GLU A 72 3.99 -14.73 -3.27
CA GLU A 72 3.91 -14.74 -3.44
C GLU A 72 2.45 -14.70 -3.15
C GLU A 72 2.48 -14.72 -2.91
N HIS A 73 1.89 -13.53 -2.84
CA HIS A 73 0.46 -13.37 -2.55
C HIS A 73 -0.37 -14.05 -3.65
N ASP A 74 -1.38 -14.82 -3.24
CA ASP A 74 -2.24 -15.60 -4.15
CA ASP A 74 -2.09 -15.61 -4.25
C ASP A 74 -2.95 -14.79 -5.22
N LEU A 75 -3.19 -13.51 -4.93
CA LEU A 75 -3.93 -12.64 -5.86
C LEU A 75 -3.08 -12.01 -6.95
N VAL A 76 -1.75 -12.09 -6.83
CA VAL A 76 -0.87 -11.41 -7.76
C VAL A 76 -1.13 -11.85 -9.21
N ASP A 77 -1.14 -13.15 -9.46
CA ASP A 77 -1.27 -13.63 -10.84
C ASP A 77 -2.59 -13.18 -11.48
N GLU A 78 -3.62 -13.10 -10.65
CA GLU A 78 -4.98 -12.67 -11.00
C GLU A 78 -5.04 -11.17 -11.35
N LEU A 79 -4.20 -10.38 -10.68
CA LEU A 79 -4.24 -8.93 -10.81
C LEU A 79 -3.30 -8.39 -11.87
N VAL A 80 -2.41 -9.24 -12.37
CA VAL A 80 -1.39 -8.82 -13.34
C VAL A 80 -2.05 -8.45 -14.67
N ALA A 81 -1.83 -7.22 -15.13
CA ALA A 81 -2.37 -6.75 -16.41
C ALA A 81 -1.61 -7.38 -17.59
N ALA A 82 -2.27 -7.44 -18.74
CA ALA A 82 -1.66 -7.98 -19.97
C ALA A 82 -0.57 -7.08 -20.54
N SER A 83 -0.69 -5.77 -20.30
CA SER A 83 0.22 -4.77 -20.85
CA SER A 83 0.25 -4.80 -20.84
C SER A 83 0.45 -3.64 -19.87
N TRP A 84 1.54 -2.89 -20.05
CA TRP A 84 1.78 -1.69 -19.28
C TRP A 84 0.87 -0.57 -19.76
N PRO A 85 0.44 0.32 -18.85
CA PRO A 85 -0.23 1.53 -19.31
C PRO A 85 0.71 2.40 -20.15
N ALA A 86 0.16 3.12 -21.11
CA ALA A 86 0.96 4.10 -21.84
C ALA A 86 1.57 5.11 -20.88
N GLY A 87 2.85 5.41 -21.07
CA GLY A 87 3.54 6.41 -20.25
C GLY A 87 4.00 5.93 -18.89
N VAL A 88 3.89 4.63 -18.62
CA VAL A 88 4.37 4.08 -17.34
C VAL A 88 5.81 4.51 -17.02
N ASN A 89 6.05 4.84 -15.74
CA ASN A 89 7.39 5.11 -15.24
C ASN A 89 8.24 3.86 -15.42
N PRO A 90 9.36 3.96 -16.17
CA PRO A 90 10.23 2.78 -16.35
C PRO A 90 10.75 2.19 -15.04
N LEU A 91 10.82 2.99 -13.98
CA LEU A 91 11.25 2.48 -12.68
C LEU A 91 10.31 1.42 -12.13
N TRP A 92 9.06 1.42 -12.61
CA TRP A 92 8.04 0.54 -12.07
C TRP A 92 7.99 -0.82 -12.75
N THR A 93 8.71 -0.98 -13.87
CA THR A 93 8.49 -2.15 -14.74
C THR A 93 9.53 -3.27 -14.64
N TYR A 94 10.57 -3.05 -13.83
CA TYR A 94 11.67 -4.01 -13.64
C TYR A 94 12.36 -4.35 -14.97
N GLY A 95 12.25 -3.44 -15.93
CA GLY A 95 12.75 -3.68 -17.29
C GLY A 95 12.07 -4.80 -18.07
N GLY A 96 10.89 -5.23 -17.61
CA GLY A 96 10.13 -6.27 -18.29
C GLY A 96 9.20 -5.72 -19.37
N GLY A 97 9.05 -6.46 -20.47
CA GLY A 97 8.22 -5.98 -21.59
C GLY A 97 6.75 -5.98 -21.29
N THR A 98 6.33 -6.88 -20.41
CA THR A 98 4.93 -6.97 -19.94
C THR A 98 4.95 -7.13 -18.42
N PRO A 99 3.83 -6.80 -17.75
CA PRO A 99 3.76 -7.05 -16.31
C PRO A 99 4.05 -8.50 -15.89
N GLY A 100 3.50 -9.47 -16.64
CA GLY A 100 3.72 -10.87 -16.29
C GLY A 100 5.17 -11.29 -16.37
N GLU A 101 5.86 -10.80 -17.41
CA GLU A 101 7.30 -11.06 -17.53
C GLU A 101 8.10 -10.40 -16.39
N ALA A 102 7.72 -9.18 -16.03
CA ALA A 102 8.41 -8.44 -14.96
C ALA A 102 8.22 -9.11 -13.60
N ILE A 103 7.00 -9.58 -13.34
CA ILE A 103 6.70 -10.28 -12.09
C ILE A 103 7.46 -11.62 -11.98
N ALA A 104 7.53 -12.39 -13.06
CA ALA A 104 8.32 -13.62 -13.06
C ALA A 104 9.79 -13.32 -12.84
N ALA A 105 10.28 -12.24 -13.45
CA ALA A 105 11.68 -11.85 -13.29
C ALA A 105 11.98 -11.42 -11.84
N TYR A 106 11.09 -10.64 -11.25
CA TYR A 106 11.27 -10.20 -9.87
C TYR A 106 11.29 -11.40 -8.92
N ARG A 107 10.36 -12.33 -9.10
CA ARG A 107 10.29 -13.53 -8.27
C ARG A 107 11.58 -14.34 -8.39
N ARG A 108 12.08 -14.47 -9.62
N ARG A 108 12.08 -14.47 -9.62
CA ARG A 108 13.33 -15.22 -9.83
CA ARG A 108 13.31 -15.21 -9.87
C ARG A 108 14.53 -14.50 -9.24
C ARG A 108 14.53 -14.50 -9.27
N ALA A 109 14.58 -13.18 -9.43
CA ALA A 109 15.72 -12.36 -8.94
C ALA A 109 15.83 -12.38 -7.44
N ILE A 110 14.72 -12.23 -6.74
CA ILE A 110 14.80 -12.10 -5.27
C ILE A 110 15.16 -13.46 -4.64
N ALA A 111 14.95 -14.55 -5.38
CA ALA A 111 15.41 -15.88 -4.94
C ALA A 111 16.94 -15.96 -4.87
N ALA A 112 17.63 -15.08 -5.61
CA ALA A 112 19.10 -14.98 -5.52
C ALA A 112 19.58 -14.15 -4.33
N LYS A 113 18.67 -13.52 -3.61
CA LYS A 113 19.02 -12.86 -2.37
C LYS A 113 19.35 -13.90 -1.29
N SER A 114 20.23 -13.50 -0.37
CA SER A 114 20.58 -14.34 0.79
C SER A 114 20.04 -13.70 2.05
N ASP A 115 20.29 -14.32 3.21
CA ASP A 115 19.91 -13.72 4.49
C ASP A 115 20.50 -12.32 4.63
N LEU A 116 21.69 -12.12 4.07
CA LEU A 116 22.36 -10.83 4.15
C LEU A 116 21.52 -9.70 3.56
N GLU A 117 21.01 -9.91 2.35
CA GLU A 117 20.20 -8.88 1.70
C GLU A 117 18.88 -8.66 2.44
N ARG A 118 18.23 -9.75 2.84
CA ARG A 118 16.94 -9.69 3.54
CA ARG A 118 16.94 -9.70 3.55
C ARG A 118 17.06 -8.99 4.90
N GLN A 119 18.27 -9.01 5.47
CA GLN A 119 18.57 -8.35 6.75
CA GLN A 119 18.55 -8.35 6.75
C GLN A 119 18.82 -6.86 6.59
N GLU A 120 19.54 -6.49 5.54
CA GLU A 120 19.91 -5.09 5.28
C GLU A 120 18.69 -4.20 5.03
N GLU A 123 17.42 -1.13 0.78
CA GLU A 123 16.93 -0.51 -0.45
C GLU A 123 15.60 -1.14 -0.86
N LYS A 124 14.65 -0.31 -1.30
CA LYS A 124 13.32 -0.78 -1.69
C LYS A 124 13.25 -1.13 -3.17
N THR A 125 12.87 -2.37 -3.47
CA THR A 125 12.65 -2.83 -4.83
C THR A 125 11.24 -3.35 -4.99
N GLY A 126 10.82 -3.57 -6.23
CA GLY A 126 9.47 -4.03 -6.48
C GLY A 126 8.99 -3.77 -7.90
N VAL A 127 7.75 -4.16 -8.17
CA VAL A 127 7.20 -4.12 -9.52
C VAL A 127 5.71 -3.80 -9.50
N PHE A 128 5.32 -2.90 -10.38
CA PHE A 128 3.92 -2.54 -10.63
C PHE A 128 3.21 -3.69 -11.35
N LEU A 129 2.00 -4.03 -10.90
CA LEU A 129 1.24 -5.11 -11.55
C LEU A 129 0.55 -4.67 -12.84
N GLY A 130 0.51 -3.37 -13.09
CA GLY A 130 -0.17 -2.83 -14.27
C GLY A 130 -1.64 -2.55 -13.99
N SER A 131 -2.06 -2.77 -12.74
CA SER A 131 -3.47 -2.65 -12.37
C SER A 131 -3.66 -1.80 -11.13
N TYR A 132 -4.92 -1.45 -10.85
CA TYR A 132 -5.27 -0.49 -9.82
C TYR A 132 -6.32 -1.06 -8.90
N ALA A 133 -6.29 -0.59 -7.65
CA ALA A 133 -7.36 -0.83 -6.69
C ALA A 133 -8.00 0.50 -6.32
N ILE A 134 -9.17 0.43 -5.72
CA ILE A 134 -9.89 1.63 -5.29
C ILE A 134 -9.72 1.86 -3.80
N ASN A 135 -9.20 3.03 -3.44
CA ASN A 135 -9.13 3.42 -2.03
C ASN A 135 -10.58 3.64 -1.54
N PRO A 136 -11.01 2.87 -0.53
CA PRO A 136 -12.41 2.96 -0.09
C PRO A 136 -12.77 4.30 0.57
N ALA A 137 -11.80 5.02 1.12
CA ALA A 137 -12.09 6.33 1.73
C ALA A 137 -12.36 7.45 0.72
N ASN A 138 -11.49 7.57 -0.29
CA ASN A 138 -11.60 8.69 -1.24
C ASN A 138 -12.09 8.30 -2.63
N GLY A 139 -12.24 7.00 -2.87
CA GLY A 139 -12.71 6.47 -4.15
C GLY A 139 -11.66 6.56 -5.26
N GLU A 140 -10.44 6.95 -4.90
CA GLU A 140 -9.37 7.15 -5.88
CA GLU A 140 -9.39 7.14 -5.90
C GLU A 140 -8.68 5.85 -6.28
N PRO A 141 -8.33 5.70 -7.58
CA PRO A 141 -7.53 4.54 -7.95
C PRO A 141 -6.12 4.67 -7.40
N VAL A 142 -5.57 3.55 -6.94
CA VAL A 142 -4.19 3.48 -6.47
C VAL A 142 -3.50 2.29 -7.14
N PRO A 143 -2.23 2.47 -7.57
CA PRO A 143 -1.57 1.36 -8.26
C PRO A 143 -1.20 0.24 -7.30
N ILE A 144 -1.19 -0.99 -7.82
CA ILE A 144 -0.85 -2.18 -7.03
C ILE A 144 0.54 -2.66 -7.40
N PHE A 145 1.38 -2.89 -6.38
CA PHE A 145 2.75 -3.40 -6.57
C PHE A 145 2.94 -4.71 -5.82
N ILE A 146 3.91 -5.49 -6.24
CA ILE A 146 4.56 -6.41 -5.33
C ILE A 146 5.92 -5.87 -4.92
N ALA A 147 6.36 -6.22 -3.71
CA ALA A 147 7.66 -5.77 -3.22
C ALA A 147 8.06 -6.69 -2.08
N ASP A 148 9.33 -7.06 -2.02
CA ASP A 148 9.74 -8.02 -1.00
C ASP A 148 9.85 -7.46 0.42
N TYR A 149 9.56 -6.17 0.59
CA TYR A 149 9.47 -5.62 1.95
C TYR A 149 8.18 -6.02 2.64
N VAL A 150 7.23 -6.53 1.85
CA VAL A 150 6.01 -7.10 2.41
C VAL A 150 6.12 -8.61 2.46
N LEU A 151 5.93 -9.16 3.66
CA LEU A 151 6.08 -10.59 3.93
C LEU A 151 4.79 -11.38 3.75
N ALA A 152 4.86 -12.51 3.02
CA ALA A 152 3.66 -13.28 2.65
C ALA A 152 2.93 -13.94 3.82
N GLY A 153 3.67 -14.34 4.84
CA GLY A 153 3.09 -15.12 5.94
C GLY A 153 2.64 -14.30 7.14
N TYR A 154 2.55 -12.99 6.96
CA TYR A 154 2.26 -12.08 8.06
C TYR A 154 1.06 -11.20 7.76
N GLY A 155 0.18 -11.01 8.74
CA GLY A 155 -1.05 -10.25 8.54
C GLY A 155 -1.90 -10.90 7.46
N THR A 156 -2.22 -10.14 6.44
CA THR A 156 -2.94 -10.67 5.29
C THR A 156 -2.01 -10.85 4.09
N GLY A 157 -0.72 -10.56 4.27
CA GLY A 157 0.24 -10.56 3.16
C GLY A 157 0.12 -9.36 2.23
N ALA A 158 -0.64 -8.35 2.63
CA ALA A 158 -0.76 -7.13 1.85
C ALA A 158 -0.91 -5.93 2.77
N ILE A 159 -0.39 -4.80 2.29
CA ILE A 159 -0.49 -3.55 3.03
C ILE A 159 -1.10 -2.45 2.18
N MET A 160 -1.68 -1.46 2.86
CA MET A 160 -1.87 -0.15 2.25
C MET A 160 -0.61 0.66 2.55
N ALA A 161 -0.10 1.35 1.53
CA ALA A 161 1.10 2.15 1.68
C ALA A 161 0.76 3.62 1.88
N VAL A 162 1.29 4.18 2.98
CA VAL A 162 1.02 5.55 3.38
C VAL A 162 2.38 6.23 3.54
N PRO A 163 2.97 6.72 2.45
CA PRO A 163 4.33 7.27 2.55
C PRO A 163 4.45 8.44 3.50
N GLY A 164 3.37 9.20 3.66
CA GLY A 164 3.40 10.34 4.58
C GLY A 164 3.76 9.96 6.02
N HIS A 165 3.47 8.72 6.41
CA HIS A 165 3.40 8.37 7.84
C HIS A 165 4.01 7.04 8.24
N ASP A 166 4.57 6.34 7.26
CA ASP A 166 5.29 5.10 7.47
C ASP A 166 6.59 5.22 6.68
N GLN A 167 7.73 5.22 7.40
CA GLN A 167 9.03 5.45 6.78
C GLN A 167 9.38 4.43 5.71
N ARG A 168 8.90 3.20 5.89
CA ARG A 168 9.13 2.12 4.91
C ARG A 168 8.44 2.47 3.58
N ASP A 169 7.22 3.00 3.68
CA ASP A 169 6.47 3.41 2.50
C ASP A 169 7.03 4.71 1.90
N TRP A 170 7.54 5.59 2.76
CA TRP A 170 8.16 6.83 2.33
C TRP A 170 9.39 6.50 1.46
N ASP A 171 10.23 5.59 1.95
CA ASP A 171 11.44 5.18 1.22
C ASP A 171 11.08 4.59 -0.13
N PHE A 172 10.08 3.72 -0.16
CA PHE A 172 9.64 3.08 -1.40
C PHE A 172 9.08 4.14 -2.35
N ALA A 173 8.23 5.03 -1.86
CA ALA A 173 7.63 6.04 -2.70
C ALA A 173 8.68 6.99 -3.27
N ARG A 174 9.70 7.31 -2.49
CA ARG A 174 10.75 8.20 -2.99
C ARG A 174 11.54 7.52 -4.10
N ALA A 175 11.82 6.23 -3.93
CA ALA A 175 12.57 5.46 -4.94
C ALA A 175 11.78 5.26 -6.23
N PHE A 176 10.46 5.14 -6.13
CA PHE A 176 9.63 4.84 -7.29
C PHE A 176 8.94 6.05 -7.90
N GLY A 177 8.91 7.17 -7.17
CA GLY A 177 8.18 8.33 -7.64
C GLY A 177 6.67 8.16 -7.48
N LEU A 178 6.26 7.72 -6.31
CA LEU A 178 4.84 7.59 -5.97
C LEU A 178 4.42 8.77 -5.10
N PRO A 179 3.10 9.12 -5.11
CA PRO A 179 2.63 10.27 -4.34
C PRO A 179 2.81 10.10 -2.84
N ILE A 180 3.21 11.19 -2.20
CA ILE A 180 3.39 11.24 -0.76
C ILE A 180 2.46 12.34 -0.24
N VAL A 181 1.49 11.94 0.57
CA VAL A 181 0.37 12.80 0.98
C VAL A 181 0.35 12.89 2.49
N GLU A 182 0.30 14.11 3.00
CA GLU A 182 0.13 14.32 4.45
C GLU A 182 -1.33 14.23 4.87
N VAL A 183 -1.62 13.35 5.81
CA VAL A 183 -2.94 13.28 6.45
C VAL A 183 -2.91 13.50 7.96
N ILE A 184 -1.73 13.45 8.55
CA ILE A 184 -1.56 13.74 9.99
C ILE A 184 -0.64 14.95 10.11
N ALA A 185 -1.18 16.11 10.48
CA ALA A 185 -0.34 17.29 10.71
C ALA A 185 0.49 17.10 11.98
N GLY A 186 1.71 17.60 11.97
CA GLY A 186 2.58 17.46 13.13
C GLY A 186 4.05 17.41 12.77
N GLY A 187 4.35 16.88 11.58
CA GLY A 187 5.73 16.74 11.12
C GLY A 187 6.03 17.49 9.84
N ASN A 188 6.98 16.96 9.07
CA ASN A 188 7.38 17.56 7.81
C ASN A 188 7.70 16.47 6.81
N ILE A 189 6.71 16.18 5.98
CA ILE A 189 6.77 14.99 5.11
C ILE A 189 7.77 15.13 3.98
N SER A 190 8.27 16.37 3.76
CA SER A 190 9.34 16.58 2.79
C SER A 190 10.67 16.08 3.33
N GLU A 191 10.76 15.93 4.66
CA GLU A 191 11.98 15.47 5.35
C GLU A 191 11.96 13.95 5.63
N SER A 192 10.85 13.44 6.15
CA SER A 192 10.74 12.05 6.54
C SER A 192 9.27 11.79 6.86
N ALA A 193 8.89 10.51 6.96
CA ALA A 193 7.55 10.14 7.37
C ALA A 193 7.28 10.65 8.78
N TYR A 194 6.09 11.19 9.01
CA TYR A 194 5.71 11.63 10.33
C TYR A 194 4.87 10.55 11.01
N THR A 195 5.44 9.96 12.06
CA THR A 195 4.88 8.75 12.65
C THR A 195 4.13 8.97 13.95
N GLY A 196 4.14 10.20 14.45
CA GLY A 196 3.53 10.51 15.75
C GLY A 196 2.05 10.89 15.72
N ASP A 197 1.55 11.30 16.88
CA ASP A 197 0.17 11.78 16.98
CA ASP A 197 0.19 11.81 17.01
C ASP A 197 0.05 13.16 16.32
N GLY A 198 -1.18 13.60 16.12
CA GLY A 198 -1.38 14.86 15.45
C GLY A 198 -2.83 15.13 15.20
N ILE A 199 -3.08 15.85 14.13
CA ILE A 199 -4.42 16.30 13.77
C ILE A 199 -4.66 15.99 12.29
N LEU A 200 -5.82 15.39 12.01
CA LEU A 200 -6.14 14.94 10.65
C LEU A 200 -6.34 16.11 9.69
N VAL A 201 -5.70 16.00 8.53
CA VAL A 201 -5.82 16.95 7.42
C VAL A 201 -6.02 16.16 6.13
N ASN A 202 -6.61 16.80 5.13
CA ASN A 202 -6.80 16.20 3.80
C ASN A 202 -7.55 14.86 3.85
N SER A 203 -8.46 14.77 4.82
CA SER A 203 -9.16 13.53 5.15
C SER A 203 -10.66 13.70 5.37
N ASP A 204 -11.25 14.69 4.67
CA ASP A 204 -12.71 14.85 4.63
C ASP A 204 -13.34 14.81 6.04
N TYR A 205 -14.17 13.80 6.33
CA TYR A 205 -14.92 13.74 7.59
C TYR A 205 -14.07 13.42 8.81
N LEU A 206 -12.78 13.17 8.61
CA LEU A 206 -11.87 12.99 9.74
C LEU A 206 -11.16 14.27 10.14
N ASN A 207 -11.24 15.31 9.30
CA ASN A 207 -10.44 16.54 9.48
C ASN A 207 -10.63 17.15 10.86
N GLY A 208 -9.50 17.45 11.51
CA GLY A 208 -9.51 18.10 12.81
C GLY A 208 -9.46 17.13 13.97
N MET A 209 -9.67 15.84 13.70
CA MET A 209 -9.63 14.83 14.76
C MET A 209 -8.19 14.48 15.15
N SER A 210 -8.01 14.01 16.39
CA SER A 210 -6.76 13.40 16.83
C SER A 210 -6.62 12.03 16.16
N VAL A 211 -5.41 11.46 16.23
CA VAL A 211 -5.22 10.11 15.73
C VAL A 211 -6.17 9.08 16.42
N PRO A 212 -6.24 9.07 17.77
CA PRO A 212 -7.13 8.09 18.40
C PRO A 212 -8.59 8.27 17.96
N ALA A 213 -9.06 9.51 17.89
CA ALA A 213 -10.43 9.77 17.44
C ALA A 213 -10.65 9.35 15.97
N ALA A 214 -9.67 9.64 15.12
CA ALA A 214 -9.76 9.26 13.72
C ALA A 214 -9.77 7.76 13.51
N LYS A 215 -8.98 7.02 14.30
CA LYS A 215 -8.99 5.55 14.19
C LYS A 215 -10.40 5.00 14.46
N ARG A 216 -11.06 5.50 15.51
CA ARG A 216 -12.41 5.07 15.86
CA ARG A 216 -12.42 5.08 15.86
C ARG A 216 -13.41 5.42 14.76
N ALA A 217 -13.32 6.64 14.24
CA ALA A 217 -14.25 7.12 13.23
C ALA A 217 -14.15 6.31 11.94
N ILE A 218 -12.93 6.04 11.50
CA ILE A 218 -12.73 5.35 10.22
C ILE A 218 -13.11 3.86 10.30
N VAL A 219 -12.86 3.23 11.45
CA VAL A 219 -13.29 1.85 11.68
C VAL A 219 -14.82 1.78 11.69
N ASP A 220 -15.46 2.75 12.33
CA ASP A 220 -16.92 2.90 12.32
CA ASP A 220 -16.91 2.83 12.32
C ASP A 220 -17.41 2.96 10.87
N ARG A 221 -16.77 3.81 10.08
CA ARG A 221 -17.15 3.97 8.67
C ARG A 221 -16.96 2.68 7.86
N LEU A 222 -15.81 2.02 8.05
CA LEU A 222 -15.53 0.75 7.39
C LEU A 222 -16.59 -0.28 7.74
N GLU A 223 -16.96 -0.36 9.01
CA GLU A 223 -17.99 -1.31 9.42
C GLU A 223 -19.34 -0.99 8.83
N SER A 224 -19.70 0.29 8.85
CA SER A 224 -20.98 0.69 8.28
C SER A 224 -21.10 0.34 6.78
N ALA A 225 -19.97 0.37 6.07
CA ALA A 225 -19.91 0.03 4.66
C ALA A 225 -19.71 -1.46 4.39
N GLY A 226 -19.42 -2.23 5.45
CA GLY A 226 -19.13 -3.65 5.32
C GLY A 226 -17.76 -3.97 4.73
N ARG A 227 -16.83 -3.02 4.84
CA ARG A 227 -15.53 -3.13 4.16
C ARG A 227 -14.32 -3.25 5.09
N GLY A 228 -14.55 -3.36 6.40
CA GLY A 228 -13.44 -3.51 7.33
C GLY A 228 -13.89 -3.86 8.74
N ARG A 229 -12.91 -4.17 9.58
CA ARG A 229 -13.13 -4.57 10.97
C ARG A 229 -11.94 -4.08 11.79
N ALA A 230 -12.18 -3.80 13.07
CA ALA A 230 -11.09 -3.67 14.04
C ALA A 230 -10.54 -5.05 14.32
N ARG A 231 -9.23 -5.18 14.43
N ARG A 231 -9.22 -5.15 14.45
CA ARG A 231 -8.60 -6.48 14.74
CA ARG A 231 -8.57 -6.40 14.80
C ARG A 231 -7.39 -6.28 15.65
C ARG A 231 -7.52 -6.13 15.86
N ILE A 232 -7.22 -7.16 16.64
CA ILE A 232 -6.10 -7.12 17.59
C ILE A 232 -4.79 -7.24 16.83
#